data_8WA4
#
_entry.id   8WA4
#
loop_
_entity.id
_entity.type
_entity.pdbx_description
1 polymer 'DNA G-quadruplex'
2 non-polymer THYMIDINE
3 non-polymer "2'-DEOXYCYTIDINE-5'-MONOPHOSPHATE"
#
_entity_poly.entity_id   1
_entity_poly.type   'polydeoxyribonucleotide'
_entity_poly.pdbx_seq_one_letter_code
;(DA)(DA)(DG)(DG)(DG)(DA)(DG)(DG)(DG)(DA)(DG)(DG)(DG)(DA)(DA)(DG)(DG)(DG)(DA)(DG)
;
_entity_poly.pdbx_strand_id   X
#